data_1QSI
#
_entry.id   1QSI
#
_cell.length_a   63.150
_cell.length_b   83.590
_cell.length_c   53.800
_cell.angle_alpha   90.00
_cell.angle_beta   99.34
_cell.angle_gamma   90.00
#
_symmetry.space_group_name_H-M   'P 1 21 1'
#
loop_
_entity.id
_entity.type
_entity.pdbx_description
1 polymer 'PROTEIN (HEMOGLOBIN ALPHA CHAIN)'
2 polymer 'PROTEIN (HEMOGLOBIN BETA CHAIN)'
3 non-polymer 'PROTOPORPHYRIN IX CONTAINING FE'
4 non-polymer 'CARBON MONOXIDE'
5 non-polymer 'PROTOPORPHYRIN IX CONTAINING MG'
6 water water
#
loop_
_entity_poly.entity_id
_entity_poly.type
_entity_poly.pdbx_seq_one_letter_code
_entity_poly.pdbx_strand_id
1 'polypeptide(L)'
;VLSPADKTNVKAAWGKVGAHAGEYGAEALERMFLSFPTTKTYFPHFDLSHGSAQVKGHGKKVADALTNAVAHVDDMPNAL
SALSDLHAHKLRVDPVNFKLLSHCLLVTLAAHLPAEFTPAVHASLDKFLASVSTVLTSKYR
;
A,C
2 'polypeptide(L)'
;VHLTPEEKSAVTALWGKVNVDEVGGEALGRLLVVYPWTQRFFESFGDLSTPDAVMGNPKVKAHGKKVLGAFSDGLAHLDN
LKGTFATLSELHCDKLHVDPENFRLLGNVLVCVLAHHFGKEFTPPVQAAYQKVVAGVANALAHKYH
;
B,D
#
loop_
_chem_comp.id
_chem_comp.type
_chem_comp.name
_chem_comp.formula
CMO non-polymer 'CARBON MONOXIDE' 'C O'
HEG non-polymer 'PROTOPORPHYRIN IX CONTAINING MG' 'C34 H32 Mg N4 O4 2'
HEM non-polymer 'PROTOPORPHYRIN IX CONTAINING FE' 'C34 H32 Fe N4 O4'
#
# COMPACT_ATOMS: atom_id res chain seq x y z
N VAL A 1 -14.30 3.59 -10.84
CA VAL A 1 -15.51 4.02 -11.51
C VAL A 1 -16.66 4.16 -10.52
N LEU A 2 -17.18 5.35 -10.39
CA LEU A 2 -18.34 5.65 -9.53
C LEU A 2 -19.64 5.40 -10.34
N SER A 3 -20.37 4.40 -9.94
CA SER A 3 -21.64 4.08 -10.64
C SER A 3 -22.63 5.23 -10.35
N PRO A 4 -23.75 5.17 -11.08
CA PRO A 4 -24.82 6.18 -10.89
C PRO A 4 -25.27 6.13 -9.44
N ALA A 5 -25.49 4.88 -9.01
CA ALA A 5 -25.90 4.61 -7.64
C ALA A 5 -24.89 5.13 -6.61
N ASP A 6 -23.59 4.97 -6.95
CA ASP A 6 -22.57 5.47 -5.98
C ASP A 6 -22.79 6.97 -5.77
N LYS A 7 -22.94 7.65 -6.88
CA LYS A 7 -23.09 9.13 -6.89
C LYS A 7 -24.29 9.56 -6.05
N THR A 8 -25.37 8.81 -6.24
CA THR A 8 -26.63 9.12 -5.49
C THR A 8 -26.37 9.00 -4.01
N ASN A 9 -25.69 7.91 -3.62
CA ASN A 9 -25.35 7.61 -2.23
C ASN A 9 -24.47 8.70 -1.62
N VAL A 10 -23.42 9.04 -2.39
CA VAL A 10 -22.48 10.09 -1.88
C VAL A 10 -23.15 11.44 -1.66
N LYS A 11 -23.98 11.78 -2.61
CA LYS A 11 -24.71 13.07 -2.56
C LYS A 11 -25.67 13.11 -1.36
N ALA A 12 -26.24 11.96 -1.07
CA ALA A 12 -27.19 11.85 0.06
C ALA A 12 -26.46 11.94 1.38
N ALA A 13 -25.32 11.24 1.48
CA ALA A 13 -24.54 11.26 2.73
C ALA A 13 -23.92 12.63 3.01
N TRP A 14 -23.31 13.22 1.98
CA TRP A 14 -22.65 14.52 2.09
C TRP A 14 -23.66 15.61 2.40
N GLY A 15 -24.84 15.51 1.81
CA GLY A 15 -25.91 16.52 2.09
C GLY A 15 -26.08 16.54 3.61
N LYS A 16 -26.30 15.33 4.11
CA LYS A 16 -26.49 15.09 5.53
C LYS A 16 -25.45 15.79 6.38
N VAL A 17 -24.21 15.79 5.91
CA VAL A 17 -23.07 16.35 6.58
C VAL A 17 -23.29 17.86 6.73
N GLY A 18 -23.73 18.44 5.63
CA GLY A 18 -24.03 19.86 5.50
C GLY A 18 -23.02 20.80 6.13
N ALA A 19 -23.52 21.58 7.09
CA ALA A 19 -22.78 22.58 7.82
C ALA A 19 -21.67 22.08 8.69
N HIS A 20 -21.58 20.79 8.97
CA HIS A 20 -20.53 20.25 9.83
C HIS A 20 -19.28 19.84 9.04
N ALA A 21 -19.36 20.04 7.75
CA ALA A 21 -18.22 19.62 6.85
C ALA A 21 -16.92 20.08 7.48
N GLY A 22 -16.85 21.31 7.92
CA GLY A 22 -15.66 21.89 8.58
C GLY A 22 -15.20 21.20 9.83
N GLU A 23 -16.14 20.94 10.76
CA GLU A 23 -15.85 20.29 12.02
C GLU A 23 -15.42 18.83 11.79
N TYR A 24 -16.07 18.22 10.80
CA TYR A 24 -15.79 16.82 10.48
C TYR A 24 -14.39 16.71 9.85
N GLY A 25 -14.12 17.72 9.07
CA GLY A 25 -12.79 17.78 8.38
C GLY A 25 -11.70 17.92 9.42
N ALA A 26 -11.89 18.71 10.48
CA ALA A 26 -10.85 18.85 11.51
C ALA A 26 -10.64 17.54 12.28
N GLU A 27 -11.82 16.90 12.57
CA GLU A 27 -11.73 15.65 13.35
C GLU A 27 -11.06 14.56 12.57
N ALA A 28 -11.25 14.52 11.26
CA ALA A 28 -10.61 13.46 10.43
C ALA A 28 -9.06 13.66 10.45
N LEU A 29 -8.70 14.96 10.35
CA LEU A 29 -7.19 15.18 10.44
C LEU A 29 -6.62 14.75 11.77
N GLU A 30 -7.27 15.08 12.88
CA GLU A 30 -6.82 14.74 14.19
C GLU A 30 -6.77 13.22 14.37
N ARG A 31 -7.78 12.53 13.77
CA ARG A 31 -7.78 11.07 13.87
C ARG A 31 -6.52 10.55 13.11
N MET A 32 -6.27 11.15 12.00
CA MET A 32 -5.05 10.73 11.19
C MET A 32 -3.74 10.87 11.95
N PHE A 33 -3.52 12.08 12.48
CA PHE A 33 -2.31 12.39 13.24
C PHE A 33 -2.05 11.46 14.40
N LEU A 34 -3.15 11.07 15.07
CA LEU A 34 -3.05 10.19 16.21
C LEU A 34 -2.86 8.75 15.82
N SER A 35 -3.68 8.35 14.83
CA SER A 35 -3.66 6.95 14.42
C SER A 35 -2.41 6.59 13.59
N PHE A 36 -2.08 7.58 12.79
CA PHE A 36 -0.94 7.36 11.83
C PHE A 36 0.07 8.52 11.93
N PRO A 37 0.90 8.46 12.97
CA PRO A 37 1.84 9.53 13.27
C PRO A 37 2.83 9.91 12.20
N THR A 38 3.17 8.98 11.35
CA THR A 38 4.10 9.39 10.25
C THR A 38 3.51 10.48 9.39
N THR A 39 2.17 10.68 9.34
CA THR A 39 1.59 11.74 8.50
C THR A 39 1.93 13.14 9.00
N LYS A 40 2.33 13.22 10.25
CA LYS A 40 2.73 14.46 10.93
C LYS A 40 3.99 15.03 10.26
N THR A 41 4.72 14.18 9.52
CA THR A 41 5.95 14.65 8.84
C THR A 41 5.67 15.73 7.83
N TYR A 42 4.43 15.79 7.33
CA TYR A 42 4.03 16.81 6.36
C TYR A 42 3.54 18.14 7.01
N PHE A 43 3.40 18.18 8.29
CA PHE A 43 2.91 19.34 9.04
C PHE A 43 3.86 19.83 10.11
N PRO A 44 5.18 19.83 9.82
CA PRO A 44 6.13 20.25 10.85
C PRO A 44 5.90 21.69 11.31
N HIS A 45 5.31 22.45 10.43
CA HIS A 45 5.08 23.91 10.63
C HIS A 45 3.75 24.27 11.24
N PHE A 46 2.99 23.26 11.58
CA PHE A 46 1.67 23.42 12.15
C PHE A 46 1.67 23.17 13.65
N ASP A 47 0.67 23.88 14.20
CA ASP A 47 0.31 23.70 15.64
C ASP A 47 -0.75 22.55 15.53
N LEU A 48 -0.33 21.37 15.98
CA LEU A 48 -1.19 20.19 15.88
C LEU A 48 -1.92 19.87 17.17
N SER A 49 -1.91 20.80 18.09
CA SER A 49 -2.60 20.57 19.41
C SER A 49 -4.09 20.50 19.14
N HIS A 50 -4.74 19.64 19.93
CA HIS A 50 -6.19 19.45 19.81
C HIS A 50 -6.87 20.80 19.78
N GLY A 51 -7.73 21.02 18.83
CA GLY A 51 -8.55 22.18 18.62
C GLY A 51 -7.80 23.45 18.22
N SER A 52 -6.63 23.25 17.64
CA SER A 52 -5.85 24.45 17.21
C SER A 52 -6.52 25.07 16.05
N ALA A 53 -6.44 26.38 15.91
CA ALA A 53 -7.05 27.12 14.84
C ALA A 53 -6.50 26.64 13.49
N GLN A 54 -5.23 26.20 13.55
CA GLN A 54 -4.57 25.78 12.30
C GLN A 54 -5.30 24.55 11.73
N VAL A 55 -5.50 23.58 12.61
CA VAL A 55 -6.19 22.31 12.26
C VAL A 55 -7.65 22.58 11.92
N LYS A 56 -8.35 23.40 12.73
CA LYS A 56 -9.73 23.75 12.44
C LYS A 56 -9.86 24.41 11.07
N GLY A 57 -8.98 25.35 10.73
CA GLY A 57 -8.98 26.05 9.46
C GLY A 57 -8.73 25.11 8.26
N HIS A 58 -7.75 24.28 8.46
CA HIS A 58 -7.33 23.30 7.43
C HIS A 58 -8.45 22.27 7.28
N GLY A 59 -9.05 21.82 8.32
CA GLY A 59 -10.15 20.83 8.23
C GLY A 59 -11.26 21.35 7.36
N LYS A 60 -11.53 22.64 7.45
CA LYS A 60 -12.54 23.36 6.65
C LYS A 60 -12.17 23.44 5.18
N LYS A 61 -10.91 23.66 4.87
CA LYS A 61 -10.44 23.70 3.49
C LYS A 61 -10.60 22.30 2.85
N VAL A 62 -10.22 21.29 3.60
CA VAL A 62 -10.33 19.88 3.16
C VAL A 62 -11.84 19.61 2.93
N ALA A 63 -12.66 19.93 3.93
CA ALA A 63 -14.13 19.68 3.74
C ALA A 63 -14.69 20.39 2.53
N ASP A 64 -14.32 21.63 2.27
CA ASP A 64 -14.79 22.42 1.11
C ASP A 64 -14.43 21.81 -0.22
N ALA A 65 -13.17 21.33 -0.30
CA ALA A 65 -12.66 20.66 -1.46
C ALA A 65 -13.54 19.40 -1.72
N LEU A 66 -13.92 18.66 -0.71
CA LEU A 66 -14.71 17.42 -0.91
C LEU A 66 -16.15 17.75 -1.35
N THR A 67 -16.64 18.83 -0.82
CA THR A 67 -17.98 19.34 -1.21
C THR A 67 -18.01 19.73 -2.68
N ASN A 68 -16.90 20.31 -3.11
CA ASN A 68 -16.68 20.71 -4.51
C ASN A 68 -16.69 19.46 -5.38
N ALA A 69 -16.01 18.41 -4.86
CA ALA A 69 -15.91 17.16 -5.61
C ALA A 69 -17.28 16.48 -5.73
N VAL A 70 -18.06 16.53 -4.71
CA VAL A 70 -19.45 15.92 -4.74
C VAL A 70 -20.31 16.66 -5.75
N ALA A 71 -20.19 17.94 -5.74
CA ALA A 71 -20.89 18.89 -6.61
C ALA A 71 -20.57 18.63 -8.08
N HIS A 72 -19.34 18.27 -8.30
CA HIS A 72 -18.77 18.01 -9.62
C HIS A 72 -18.31 16.57 -9.76
N VAL A 73 -19.07 15.73 -9.10
CA VAL A 73 -18.80 14.28 -9.10
C VAL A 73 -18.53 13.76 -10.49
N ASP A 74 -19.14 14.33 -11.52
CA ASP A 74 -18.97 13.86 -12.91
C ASP A 74 -17.78 14.43 -13.66
N ASP A 75 -17.12 15.40 -13.10
CA ASP A 75 -15.97 16.13 -13.71
C ASP A 75 -14.94 16.40 -12.61
N MET A 76 -14.48 15.36 -11.92
CA MET A 76 -13.53 15.53 -10.81
C MET A 76 -12.14 16.01 -11.20
N PRO A 77 -11.60 15.50 -12.29
CA PRO A 77 -10.25 15.96 -12.71
C PRO A 77 -10.21 17.47 -12.87
N ASN A 78 -11.22 18.00 -13.56
CA ASN A 78 -11.34 19.43 -13.81
C ASN A 78 -11.51 20.19 -12.50
N ALA A 79 -12.50 19.76 -11.73
CA ALA A 79 -12.85 20.35 -10.46
C ALA A 79 -11.71 20.46 -9.44
N LEU A 80 -10.86 19.45 -9.36
CA LEU A 80 -9.76 19.39 -8.39
C LEU A 80 -8.39 19.68 -9.01
N SER A 81 -8.40 20.19 -10.21
CA SER A 81 -7.17 20.49 -10.96
C SER A 81 -6.11 21.22 -10.17
N ALA A 82 -6.42 22.36 -9.58
CA ALA A 82 -5.45 23.15 -8.82
C ALA A 82 -4.92 22.40 -7.61
N LEU A 83 -5.80 21.59 -7.00
CA LEU A 83 -5.38 20.83 -5.81
C LEU A 83 -4.43 19.71 -6.16
N SER A 84 -4.72 19.03 -7.27
CA SER A 84 -3.80 17.93 -7.69
C SER A 84 -2.43 18.55 -7.98
N ASP A 85 -2.42 19.69 -8.60
CA ASP A 85 -1.12 20.39 -8.88
C ASP A 85 -0.36 20.68 -7.59
N LEU A 86 -1.09 21.24 -6.62
CA LEU A 86 -0.53 21.61 -5.34
C LEU A 86 0.12 20.43 -4.62
N HIS A 87 -0.70 19.37 -4.59
CA HIS A 87 -0.23 18.17 -3.88
C HIS A 87 0.96 17.52 -4.63
N ALA A 88 0.87 17.48 -5.95
CA ALA A 88 1.90 16.83 -6.77
C ALA A 88 3.22 17.59 -6.94
N HIS A 89 3.13 18.88 -7.14
CA HIS A 89 4.34 19.68 -7.43
C HIS A 89 4.89 20.55 -6.35
N LYS A 90 4.07 20.93 -5.40
CA LYS A 90 4.44 21.81 -4.30
C LYS A 90 4.64 21.02 -3.04
N LEU A 91 3.54 20.40 -2.56
CA LEU A 91 3.61 19.64 -1.33
C LEU A 91 4.37 18.32 -1.42
N ARG A 92 4.13 17.62 -2.51
CA ARG A 92 4.78 16.33 -2.82
C ARG A 92 4.60 15.32 -1.70
N VAL A 93 3.34 15.09 -1.40
CA VAL A 93 2.92 14.14 -0.34
C VAL A 93 2.96 12.73 -0.87
N ASP A 94 3.68 11.81 -0.19
CA ASP A 94 3.72 10.46 -0.81
C ASP A 94 2.28 9.96 -0.99
N PRO A 95 1.98 9.37 -2.12
CA PRO A 95 0.63 8.86 -2.38
C PRO A 95 0.09 7.90 -1.34
N VAL A 96 0.94 7.18 -0.62
CA VAL A 96 0.39 6.22 0.37
C VAL A 96 -0.50 6.88 1.43
N ASN A 97 -0.23 8.11 1.78
CA ASN A 97 -0.87 8.90 2.77
C ASN A 97 -2.34 9.17 2.41
N PHE A 98 -2.69 9.14 1.16
CA PHE A 98 -4.10 9.41 0.76
C PHE A 98 -5.06 8.34 1.34
N LYS A 99 -4.62 7.12 1.42
CA LYS A 99 -5.39 5.99 1.97
C LYS A 99 -5.66 6.22 3.46
N LEU A 100 -4.65 6.72 4.16
CA LEU A 100 -4.74 6.99 5.60
C LEU A 100 -5.76 8.09 5.83
N LEU A 101 -5.69 9.24 5.13
CA LEU A 101 -6.68 10.27 5.36
C LEU A 101 -8.08 9.73 4.98
N SER A 102 -8.13 9.02 3.87
CA SER A 102 -9.46 8.46 3.43
C SER A 102 -10.13 7.60 4.49
N HIS A 103 -9.38 6.73 5.12
CA HIS A 103 -9.86 5.84 6.19
C HIS A 103 -10.36 6.66 7.35
N CYS A 104 -9.57 7.73 7.67
CA CYS A 104 -9.95 8.60 8.78
C CYS A 104 -11.21 9.39 8.48
N LEU A 105 -11.40 9.81 7.26
CA LEU A 105 -12.67 10.53 6.87
C LEU A 105 -13.82 9.52 6.97
N LEU A 106 -13.58 8.29 6.58
CA LEU A 106 -14.62 7.24 6.62
C LEU A 106 -15.05 6.97 8.05
N VAL A 107 -14.07 6.91 8.96
CA VAL A 107 -14.36 6.71 10.40
C VAL A 107 -15.18 7.89 10.96
N THR A 108 -14.77 9.11 10.56
CA THR A 108 -15.46 10.31 11.02
C THR A 108 -16.90 10.25 10.51
N LEU A 109 -17.09 9.96 9.23
CA LEU A 109 -18.50 9.88 8.74
C LEU A 109 -19.28 8.81 9.53
N ALA A 110 -18.68 7.64 9.70
CA ALA A 110 -19.39 6.54 10.45
C ALA A 110 -19.84 6.99 11.85
N ALA A 111 -18.96 7.68 12.56
CA ALA A 111 -19.21 8.20 13.89
C ALA A 111 -20.32 9.26 13.97
N HIS A 112 -20.54 9.96 12.92
CA HIS A 112 -21.51 11.04 12.80
C HIS A 112 -22.75 10.73 11.99
N LEU A 113 -22.86 9.63 11.30
CA LEU A 113 -24.04 9.34 10.47
C LEU A 113 -24.62 7.95 10.80
N PRO A 114 -25.16 7.84 12.00
CA PRO A 114 -25.71 6.54 12.44
C PRO A 114 -26.84 6.06 11.51
N ALA A 115 -27.74 6.94 11.06
CA ALA A 115 -28.84 6.46 10.21
C ALA A 115 -28.42 6.21 8.80
N GLU A 116 -27.48 7.02 8.32
CA GLU A 116 -27.12 6.94 6.93
C GLU A 116 -26.02 5.99 6.51
N PHE A 117 -25.15 5.65 7.44
CA PHE A 117 -23.98 4.78 7.12
C PHE A 117 -24.30 3.30 6.98
N THR A 118 -25.08 2.96 5.96
CA THR A 118 -25.49 1.54 5.74
C THR A 118 -24.37 0.86 4.96
N PRO A 119 -24.41 -0.46 4.86
CA PRO A 119 -23.29 -1.12 4.11
C PRO A 119 -23.16 -0.56 2.72
N ALA A 120 -24.25 -0.29 1.98
CA ALA A 120 -24.22 0.24 0.62
C ALA A 120 -23.58 1.61 0.55
N VAL A 121 -23.90 2.45 1.50
CA VAL A 121 -23.37 3.83 1.56
C VAL A 121 -21.89 3.83 1.89
N HIS A 122 -21.49 3.00 2.81
CA HIS A 122 -20.09 2.81 3.28
C HIS A 122 -19.30 2.43 2.00
N ALA A 123 -19.84 1.47 1.23
CA ALA A 123 -19.08 1.09 -0.02
C ALA A 123 -18.92 2.27 -0.97
N SER A 124 -19.98 3.00 -1.22
CA SER A 124 -19.97 4.14 -2.14
C SER A 124 -19.00 5.21 -1.61
N LEU A 125 -19.02 5.45 -0.32
CA LEU A 125 -18.14 6.55 0.23
C LEU A 125 -16.66 6.13 0.07
N ASP A 126 -16.44 4.85 0.31
CA ASP A 126 -15.05 4.34 0.19
C ASP A 126 -14.54 4.49 -1.25
N LYS A 127 -15.41 4.19 -2.20
CA LYS A 127 -15.07 4.33 -3.63
C LYS A 127 -14.86 5.80 -3.99
N PHE A 128 -15.75 6.65 -3.41
CA PHE A 128 -15.63 8.10 -3.66
C PHE A 128 -14.28 8.66 -3.20
N LEU A 129 -13.84 8.27 -2.03
CA LEU A 129 -12.58 8.79 -1.46
C LEU A 129 -11.42 8.26 -2.31
N ALA A 130 -11.54 7.03 -2.73
CA ALA A 130 -10.46 6.41 -3.57
C ALA A 130 -10.35 7.18 -4.86
N SER A 131 -11.48 7.59 -5.42
CA SER A 131 -11.59 8.33 -6.66
C SER A 131 -10.96 9.74 -6.47
N VAL A 132 -11.28 10.38 -5.36
CA VAL A 132 -10.72 11.73 -5.08
C VAL A 132 -9.17 11.58 -4.97
N SER A 133 -8.77 10.55 -4.29
CA SER A 133 -7.32 10.26 -4.04
C SER A 133 -6.58 10.06 -5.36
N THR A 134 -7.21 9.34 -6.26
CA THR A 134 -6.68 9.04 -7.61
C THR A 134 -6.46 10.36 -8.38
N VAL A 135 -7.48 11.21 -8.35
CA VAL A 135 -7.39 12.52 -9.01
C VAL A 135 -6.26 13.35 -8.42
N LEU A 136 -6.18 13.38 -7.09
CA LEU A 136 -5.19 14.20 -6.42
C LEU A 136 -3.77 13.71 -6.67
N THR A 137 -3.63 12.46 -7.05
CA THR A 137 -2.25 11.93 -7.26
C THR A 137 -1.90 11.64 -8.70
N SER A 138 -2.79 12.02 -9.62
CA SER A 138 -2.62 11.78 -11.05
C SER A 138 -1.58 12.63 -11.77
N LYS A 139 -1.10 13.71 -11.22
CA LYS A 139 -0.11 14.58 -11.90
C LYS A 139 1.25 14.49 -11.23
N TYR A 140 1.48 13.46 -10.42
CA TYR A 140 2.74 13.33 -9.66
C TYR A 140 3.95 13.05 -10.53
N ARG A 141 3.75 12.37 -11.60
CA ARG A 141 4.91 12.06 -12.50
C ARG A 141 4.41 11.81 -13.92
N VAL B 1 1.32 -6.50 20.79
CA VAL B 1 1.84 -5.13 20.56
C VAL B 1 2.12 -4.51 21.93
N HIS B 2 2.54 -3.27 21.93
CA HIS B 2 2.81 -2.55 23.19
C HIS B 2 1.86 -1.36 23.29
N LEU B 3 0.92 -1.51 24.20
CA LEU B 3 -0.07 -0.47 24.47
C LEU B 3 0.28 0.10 25.86
N THR B 4 0.01 1.38 25.99
CA THR B 4 0.21 2.02 27.31
C THR B 4 -0.99 1.51 28.12
N PRO B 5 -0.87 1.56 29.43
CA PRO B 5 -1.95 1.08 30.30
C PRO B 5 -3.25 1.79 30.00
N GLU B 6 -3.16 3.05 29.63
CA GLU B 6 -4.33 3.87 29.31
C GLU B 6 -5.07 3.33 28.07
N GLU B 7 -4.29 2.93 27.10
CA GLU B 7 -4.80 2.38 25.83
C GLU B 7 -5.41 1.01 26.03
N LYS B 8 -4.72 0.20 26.82
CA LYS B 8 -5.22 -1.16 27.12
C LYS B 8 -6.58 -1.02 27.80
N SER B 9 -6.69 -0.10 28.76
CA SER B 9 -7.99 0.08 29.45
C SER B 9 -9.03 0.63 28.50
N ALA B 10 -8.64 1.51 27.59
CA ALA B 10 -9.59 2.07 26.61
C ALA B 10 -10.19 0.99 25.71
N VAL B 11 -9.32 0.08 25.28
CA VAL B 11 -9.74 -1.01 24.43
C VAL B 11 -10.73 -1.93 25.18
N THR B 12 -10.35 -2.32 26.37
CA THR B 12 -11.07 -3.22 27.26
C THR B 12 -12.45 -2.70 27.63
N ALA B 13 -12.47 -1.44 28.04
CA ALA B 13 -13.74 -0.79 28.44
C ALA B 13 -14.76 -0.82 27.33
N LEU B 14 -14.37 -0.41 26.12
CA LEU B 14 -15.31 -0.39 25.00
C LEU B 14 -15.75 -1.81 24.62
N TRP B 15 -14.79 -2.74 24.63
CA TRP B 15 -15.09 -4.12 24.22
C TRP B 15 -16.17 -4.71 25.12
N GLY B 16 -16.21 -4.35 26.36
CA GLY B 16 -17.25 -4.90 27.29
C GLY B 16 -18.64 -4.51 26.88
N LYS B 17 -18.80 -3.54 25.97
CA LYS B 17 -20.09 -3.08 25.52
C LYS B 17 -20.52 -3.70 24.20
N VAL B 18 -19.63 -4.45 23.56
CA VAL B 18 -19.85 -5.06 22.26
C VAL B 18 -20.61 -6.40 22.34
N ASN B 19 -21.59 -6.48 21.44
CA ASN B 19 -22.32 -7.77 21.29
C ASN B 19 -21.43 -8.46 20.21
N VAL B 20 -20.64 -9.38 20.66
CA VAL B 20 -19.66 -10.02 19.74
C VAL B 20 -20.27 -10.66 18.53
N ASP B 21 -21.38 -11.37 18.69
CA ASP B 21 -22.10 -12.02 17.56
C ASP B 21 -22.64 -11.01 16.56
N GLU B 22 -23.24 -9.93 17.05
CA GLU B 22 -23.80 -8.90 16.20
C GLU B 22 -22.71 -8.16 15.41
N VAL B 23 -21.72 -7.70 16.12
CA VAL B 23 -20.62 -6.92 15.48
C VAL B 23 -19.88 -7.81 14.47
N GLY B 24 -19.75 -9.07 14.84
CA GLY B 24 -19.03 -10.07 14.01
C GLY B 24 -19.68 -10.22 12.63
N GLY B 25 -21.01 -10.45 12.68
CA GLY B 25 -21.81 -10.61 11.47
C GLY B 25 -21.73 -9.35 10.63
N GLU B 26 -21.75 -8.21 11.31
CA GLU B 26 -21.75 -6.93 10.64
C GLU B 26 -20.41 -6.59 9.97
N ALA B 27 -19.34 -6.89 10.68
CA ALA B 27 -17.97 -6.63 10.15
C ALA B 27 -17.76 -7.54 8.95
N LEU B 28 -18.06 -8.84 9.12
CA LEU B 28 -17.88 -9.73 7.95
C LEU B 28 -18.76 -9.34 6.77
N GLY B 29 -20.05 -9.05 7.06
CA GLY B 29 -20.90 -8.65 5.93
C GLY B 29 -20.36 -7.41 5.22
N ARG B 30 -19.97 -6.43 6.02
CA ARG B 30 -19.46 -5.17 5.44
C ARG B 30 -18.15 -5.45 4.66
N LEU B 31 -17.34 -6.34 5.14
CA LEU B 31 -16.12 -6.64 4.34
C LEU B 31 -16.51 -7.09 2.96
N LEU B 32 -17.43 -8.02 2.85
CA LEU B 32 -17.91 -8.63 1.58
C LEU B 32 -18.57 -7.66 0.64
N VAL B 33 -19.26 -6.64 1.22
CA VAL B 33 -19.92 -5.61 0.45
C VAL B 33 -18.94 -4.52 -0.02
N VAL B 34 -18.07 -4.05 0.85
CA VAL B 34 -17.18 -2.93 0.41
C VAL B 34 -15.98 -3.40 -0.44
N TYR B 35 -15.56 -4.60 -0.18
CA TYR B 35 -14.38 -5.15 -0.96
C TYR B 35 -14.86 -6.53 -1.47
N PRO B 36 -15.65 -6.50 -2.50
CA PRO B 36 -16.28 -7.68 -3.03
C PRO B 36 -15.33 -8.78 -3.41
N TRP B 37 -14.07 -8.44 -3.65
CA TRP B 37 -13.16 -9.56 -4.01
C TRP B 37 -12.95 -10.54 -2.87
N THR B 38 -13.26 -10.11 -1.62
CA THR B 38 -13.11 -10.93 -0.45
C THR B 38 -14.17 -12.08 -0.41
N GLN B 39 -15.12 -11.93 -1.29
CA GLN B 39 -16.20 -12.97 -1.41
C GLN B 39 -15.65 -14.26 -1.95
N ARG B 40 -14.43 -14.21 -2.54
CA ARG B 40 -13.87 -15.41 -3.15
C ARG B 40 -13.78 -16.61 -2.26
N PHE B 41 -13.70 -16.47 -0.93
CA PHE B 41 -13.58 -17.67 -0.11
C PHE B 41 -14.92 -18.26 0.32
N PHE B 42 -15.98 -17.56 0.03
CA PHE B 42 -17.31 -17.89 0.58
C PHE B 42 -18.33 -18.29 -0.45
N GLU B 43 -17.86 -18.78 -1.57
CA GLU B 43 -18.76 -19.21 -2.66
C GLU B 43 -19.75 -20.26 -2.18
N SER B 44 -19.48 -20.97 -1.13
CA SER B 44 -20.37 -22.02 -0.62
C SER B 44 -21.45 -21.49 0.34
N PHE B 45 -21.37 -20.20 0.62
CA PHE B 45 -22.29 -19.54 1.54
C PHE B 45 -23.64 -19.25 0.94
N GLY B 46 -23.81 -19.29 -0.35
CA GLY B 46 -25.08 -19.03 -1.00
C GLY B 46 -25.14 -17.68 -1.70
N ASP B 47 -26.31 -17.08 -1.51
CA ASP B 47 -26.56 -15.79 -2.21
C ASP B 47 -25.78 -14.62 -1.61
N LEU B 48 -24.95 -14.02 -2.45
CA LEU B 48 -24.16 -12.84 -2.10
C LEU B 48 -24.32 -11.75 -3.19
N SER B 49 -25.38 -11.84 -3.96
CA SER B 49 -25.69 -10.94 -5.09
C SER B 49 -25.76 -9.47 -4.77
N THR B 50 -26.42 -9.14 -3.69
CA THR B 50 -26.60 -7.74 -3.26
C THR B 50 -26.20 -7.56 -1.80
N PRO B 51 -26.05 -6.29 -1.46
CA PRO B 51 -25.70 -5.93 -0.07
C PRO B 51 -26.66 -6.56 0.93
N ASP B 52 -27.96 -6.44 0.65
CA ASP B 52 -28.96 -7.03 1.55
C ASP B 52 -28.81 -8.56 1.65
N ALA B 53 -28.50 -9.17 0.52
CA ALA B 53 -28.32 -10.64 0.46
C ALA B 53 -27.14 -11.02 1.38
N VAL B 54 -26.05 -10.23 1.20
CA VAL B 54 -24.89 -10.49 2.03
C VAL B 54 -25.20 -10.32 3.51
N MET B 55 -25.72 -9.13 3.81
CA MET B 55 -25.98 -8.86 5.26
C MET B 55 -26.94 -9.82 5.92
N GLY B 56 -27.94 -10.38 5.23
CA GLY B 56 -28.91 -11.28 5.78
C GLY B 56 -28.59 -12.76 5.67
N ASN B 57 -27.45 -13.08 5.07
CA ASN B 57 -27.00 -14.46 4.86
C ASN B 57 -26.61 -15.12 6.17
N PRO B 58 -27.26 -16.22 6.53
CA PRO B 58 -27.01 -16.91 7.77
C PRO B 58 -25.59 -17.46 7.88
N LYS B 59 -24.97 -17.84 6.77
CA LYS B 59 -23.60 -18.37 6.83
C LYS B 59 -22.58 -17.25 7.03
N VAL B 60 -22.86 -16.14 6.42
CA VAL B 60 -21.97 -14.95 6.63
C VAL B 60 -22.00 -14.60 8.13
N LYS B 61 -23.21 -14.56 8.68
CA LYS B 61 -23.36 -14.25 10.12
C LYS B 61 -22.63 -15.23 11.02
N ALA B 62 -22.79 -16.49 10.69
CA ALA B 62 -22.16 -17.60 11.38
C ALA B 62 -20.62 -17.48 11.39
N HIS B 63 -20.13 -17.20 10.20
CA HIS B 63 -18.66 -17.06 10.03
C HIS B 63 -18.19 -15.84 10.81
N GLY B 64 -18.99 -14.77 10.70
CA GLY B 64 -18.65 -13.50 11.41
C GLY B 64 -18.54 -13.73 12.92
N LYS B 65 -19.40 -14.54 13.49
CA LYS B 65 -19.40 -14.83 14.92
C LYS B 65 -18.13 -15.60 15.31
N LYS B 66 -17.73 -16.51 14.45
CA LYS B 66 -16.55 -17.35 14.59
C LYS B 66 -15.29 -16.48 14.63
N VAL B 67 -15.11 -15.65 13.64
CA VAL B 67 -13.94 -14.75 13.48
C VAL B 67 -13.85 -13.79 14.63
N LEU B 68 -14.96 -13.09 14.90
CA LEU B 68 -14.92 -12.15 16.03
C LEU B 68 -14.82 -12.79 17.40
N GLY B 69 -15.26 -13.99 17.63
CA GLY B 69 -15.11 -14.68 18.90
C GLY B 69 -13.61 -14.91 19.15
N ALA B 70 -12.90 -15.30 18.09
CA ALA B 70 -11.47 -15.54 18.17
C ALA B 70 -10.72 -14.23 18.51
N PHE B 71 -11.15 -13.20 17.80
CA PHE B 71 -10.60 -11.85 18.00
C PHE B 71 -10.74 -11.45 19.47
N SER B 72 -11.97 -11.59 19.95
CA SER B 72 -12.32 -11.31 21.34
C SER B 72 -11.47 -11.99 22.36
N ASP B 73 -11.26 -13.28 22.21
CA ASP B 73 -10.45 -14.10 23.12
C ASP B 73 -9.00 -13.57 23.04
N GLY B 74 -8.64 -13.09 21.90
CA GLY B 74 -7.33 -12.52 21.59
C GLY B 74 -6.98 -11.30 22.41
N LEU B 75 -8.02 -10.54 22.77
CA LEU B 75 -7.89 -9.29 23.53
C LEU B 75 -7.42 -9.54 24.95
N ALA B 76 -7.48 -10.77 25.40
CA ALA B 76 -7.02 -11.18 26.71
C ALA B 76 -5.50 -11.47 26.64
N HIS B 77 -4.93 -11.52 25.46
CA HIS B 77 -3.49 -11.80 25.30
C HIS B 77 -2.78 -10.75 24.46
N LEU B 78 -3.07 -9.49 24.77
CA LEU B 78 -2.49 -8.38 24.02
C LEU B 78 -0.96 -8.40 24.12
N ASP B 79 -0.42 -8.93 25.18
CA ASP B 79 1.01 -9.07 25.48
C ASP B 79 1.66 -10.18 24.64
N ASN B 80 0.83 -11.03 24.10
CA ASN B 80 1.29 -12.20 23.35
C ASN B 80 0.38 -12.56 22.18
N LEU B 81 0.21 -11.65 21.26
CA LEU B 81 -0.67 -11.91 20.09
C LEU B 81 -0.04 -12.93 19.14
N LYS B 82 1.27 -12.81 18.89
CA LYS B 82 1.89 -13.77 17.94
C LYS B 82 1.73 -15.18 18.42
N GLY B 83 1.97 -15.36 19.72
CA GLY B 83 1.83 -16.68 20.34
C GLY B 83 0.37 -17.18 20.31
N THR B 84 -0.55 -16.27 20.61
CA THR B 84 -1.98 -16.59 20.61
C THR B 84 -2.54 -17.03 19.28
N PHE B 85 -2.08 -16.38 18.20
CA PHE B 85 -2.53 -16.65 16.83
C PHE B 85 -1.63 -17.49 15.95
N ALA B 86 -0.51 -18.03 16.48
CA ALA B 86 0.41 -18.80 15.63
C ALA B 86 -0.23 -19.93 14.83
N THR B 87 -0.99 -20.78 15.52
CA THR B 87 -1.66 -21.91 14.91
C THR B 87 -2.66 -21.47 13.85
N LEU B 88 -3.41 -20.41 14.17
CA LEU B 88 -4.38 -19.87 13.23
C LEU B 88 -3.63 -19.24 12.03
N SER B 89 -2.49 -18.68 12.35
CA SER B 89 -1.67 -18.08 11.26
C SER B 89 -1.32 -19.14 10.24
N GLU B 90 -0.79 -20.27 10.75
CA GLU B 90 -0.42 -21.39 9.92
C GLU B 90 -1.60 -21.94 9.13
N LEU B 91 -2.76 -22.12 9.76
CA LEU B 91 -3.96 -22.61 9.09
C LEU B 91 -4.40 -21.75 7.92
N HIS B 92 -4.36 -20.44 8.13
CA HIS B 92 -4.80 -19.48 7.10
C HIS B 92 -3.89 -19.50 5.89
N CYS B 93 -2.60 -19.77 6.18
CA CYS B 93 -1.68 -19.87 5.02
C CYS B 93 -1.74 -21.25 4.35
N ASP B 94 -1.52 -22.27 5.09
CA ASP B 94 -1.37 -23.63 4.55
C ASP B 94 -2.62 -24.22 3.96
N LYS B 95 -3.74 -24.01 4.68
CA LYS B 95 -4.99 -24.67 4.25
C LYS B 95 -6.03 -23.81 3.61
N LEU B 96 -6.13 -22.59 4.17
CA LEU B 96 -7.12 -21.65 3.66
C LEU B 96 -6.71 -20.78 2.52
N HIS B 97 -5.38 -20.56 2.40
CA HIS B 97 -4.83 -19.72 1.30
C HIS B 97 -5.43 -18.32 1.31
N VAL B 98 -5.41 -17.70 2.50
CA VAL B 98 -6.03 -16.33 2.59
C VAL B 98 -4.89 -15.29 2.58
N ASP B 99 -5.01 -14.46 1.59
CA ASP B 99 -4.02 -13.30 1.46
C ASP B 99 -4.15 -12.52 2.74
N PRO B 100 -3.05 -12.28 3.47
CA PRO B 100 -3.09 -11.56 4.75
C PRO B 100 -3.60 -10.12 4.57
N GLU B 101 -3.64 -9.64 3.37
CA GLU B 101 -4.21 -8.33 3.10
C GLU B 101 -5.69 -8.31 3.61
N ASN B 102 -6.29 -9.52 3.53
CA ASN B 102 -7.72 -9.55 4.03
C ASN B 102 -7.80 -9.21 5.51
N PHE B 103 -6.82 -9.54 6.29
CA PHE B 103 -6.86 -9.27 7.75
C PHE B 103 -6.85 -7.73 7.97
N ARG B 104 -6.04 -7.08 7.13
CA ARG B 104 -5.94 -5.61 7.18
C ARG B 104 -7.23 -4.93 6.78
N LEU B 105 -7.88 -5.44 5.74
CA LEU B 105 -9.17 -4.89 5.28
C LEU B 105 -10.19 -5.11 6.43
N LEU B 106 -10.23 -6.34 6.97
CA LEU B 106 -11.20 -6.58 8.07
C LEU B 106 -10.95 -5.68 9.26
N GLY B 107 -9.68 -5.42 9.56
CA GLY B 107 -9.32 -4.56 10.69
C GLY B 107 -9.91 -3.15 10.47
N ASN B 108 -9.79 -2.63 9.27
CA ASN B 108 -10.28 -1.30 8.95
C ASN B 108 -11.83 -1.31 8.98
N VAL B 109 -12.39 -2.42 8.50
CA VAL B 109 -13.90 -2.41 8.52
C VAL B 109 -14.42 -2.46 9.92
N LEU B 110 -13.77 -3.25 10.78
CA LEU B 110 -14.10 -3.36 12.19
C LEU B 110 -14.04 -1.97 12.85
N VAL B 111 -12.98 -1.23 12.53
CA VAL B 111 -12.83 0.11 13.07
C VAL B 111 -14.05 0.96 12.65
N CYS B 112 -14.44 0.90 11.41
CA CYS B 112 -15.64 1.66 10.89
C CYS B 112 -16.92 1.19 11.63
N VAL B 113 -17.03 -0.10 11.85
CA VAL B 113 -18.21 -0.65 12.57
C VAL B 113 -18.28 -0.17 14.00
N LEU B 114 -17.12 -0.12 14.65
CA LEU B 114 -17.06 0.33 16.05
C LEU B 114 -17.48 1.79 16.06
N ALA B 115 -16.94 2.56 15.11
CA ALA B 115 -17.31 4.00 15.07
C ALA B 115 -18.79 4.23 14.84
N HIS B 116 -19.34 3.42 13.94
CA HIS B 116 -20.79 3.53 13.59
C HIS B 116 -21.58 3.17 14.85
N HIS B 117 -21.24 2.05 15.43
CA HIS B 117 -21.92 1.56 16.64
C HIS B 117 -21.87 2.47 17.85
N PHE B 118 -20.66 3.00 18.14
CA PHE B 118 -20.42 3.80 19.30
C PHE B 118 -20.47 5.31 19.16
N GLY B 119 -20.47 5.83 17.96
CA GLY B 119 -20.51 7.25 17.67
C GLY B 119 -19.44 8.01 18.43
N LYS B 120 -19.84 9.04 19.15
CA LYS B 120 -18.92 9.94 19.86
C LYS B 120 -18.01 9.34 20.88
N GLU B 121 -18.38 8.18 21.44
CA GLU B 121 -17.60 7.44 22.39
C GLU B 121 -16.33 6.87 21.70
N PHE B 122 -16.43 6.72 20.42
CA PHE B 122 -15.20 6.17 19.71
C PHE B 122 -14.34 7.39 19.36
N THR B 123 -13.71 7.94 20.37
CA THR B 123 -12.91 9.19 20.13
C THR B 123 -11.59 8.91 19.40
N PRO B 124 -10.98 10.00 18.97
CA PRO B 124 -9.64 9.82 18.24
C PRO B 124 -8.70 8.96 18.97
N PRO B 125 -8.39 9.20 20.24
CA PRO B 125 -7.49 8.38 21.04
C PRO B 125 -7.89 6.90 21.08
N VAL B 126 -9.19 6.62 21.33
CA VAL B 126 -9.72 5.24 21.38
C VAL B 126 -9.49 4.60 20.00
N GLN B 127 -9.74 5.40 18.95
CA GLN B 127 -9.53 4.88 17.59
C GLN B 127 -8.05 4.45 17.45
N ALA B 128 -7.17 5.37 17.89
CA ALA B 128 -5.69 5.08 17.75
C ALA B 128 -5.29 3.79 18.43
N ALA B 129 -5.89 3.55 19.62
CA ALA B 129 -5.65 2.35 20.40
C ALA B 129 -6.17 1.15 19.60
N TYR B 130 -7.41 1.24 19.08
CA TYR B 130 -7.92 0.10 18.26
C TYR B 130 -7.07 -0.14 17.01
N GLN B 131 -6.55 0.92 16.43
CA GLN B 131 -5.74 0.82 15.20
C GLN B 131 -4.52 -0.06 15.48
N LYS B 132 -3.92 0.17 16.64
CA LYS B 132 -2.68 -0.58 17.05
C LYS B 132 -3.07 -2.06 17.28
N VAL B 133 -4.32 -2.21 17.81
CA VAL B 133 -4.79 -3.59 18.06
C VAL B 133 -5.07 -4.36 16.78
N VAL B 134 -5.76 -3.71 15.83
CA VAL B 134 -6.11 -4.40 14.58
C VAL B 134 -4.85 -4.66 13.77
N ALA B 135 -3.93 -3.70 13.84
CA ALA B 135 -2.65 -3.91 13.05
C ALA B 135 -1.89 -5.06 13.72
N GLY B 136 -1.93 -5.17 15.03
CA GLY B 136 -1.31 -6.21 15.85
C GLY B 136 -1.85 -7.60 15.51
N VAL B 137 -3.20 -7.68 15.49
CA VAL B 137 -3.84 -8.97 15.17
C VAL B 137 -3.47 -9.37 13.71
N ALA B 138 -3.56 -8.46 12.76
CA ALA B 138 -3.28 -8.72 11.35
C ALA B 138 -1.82 -9.19 11.21
N ASN B 139 -0.95 -8.53 11.95
CA ASN B 139 0.50 -8.91 11.91
C ASN B 139 0.71 -10.32 12.45
N ALA B 140 0.03 -10.61 13.56
CA ALA B 140 0.09 -11.90 14.24
C ALA B 140 -0.44 -12.99 13.31
N LEU B 141 -1.55 -12.73 12.60
CA LEU B 141 -2.12 -13.78 11.71
C LEU B 141 -1.22 -13.95 10.47
N ALA B 142 -0.39 -12.96 10.19
CA ALA B 142 0.43 -13.07 8.97
C ALA B 142 1.82 -13.62 9.23
N HIS B 143 2.17 -13.66 10.48
CA HIS B 143 3.51 -14.06 10.93
C HIS B 143 4.06 -15.38 10.45
N LYS B 144 3.24 -16.40 10.40
CA LYS B 144 3.63 -17.72 9.99
C LYS B 144 3.46 -18.00 8.49
N TYR B 145 3.22 -16.98 7.69
CA TYR B 145 3.09 -17.18 6.26
C TYR B 145 4.54 -17.47 5.72
N HIS B 146 4.54 -18.27 4.70
CA HIS B 146 5.82 -18.70 4.06
C HIS B 146 5.51 -19.15 2.64
N VAL C 1 -0.64 9.55 -16.70
CA VAL C 1 -0.61 9.73 -18.15
C VAL C 1 0.81 9.46 -18.68
N LEU C 2 0.84 8.65 -19.70
CA LEU C 2 2.16 8.33 -20.32
C LEU C 2 2.44 9.41 -21.37
N SER C 3 3.57 10.06 -21.18
CA SER C 3 3.95 11.10 -22.19
C SER C 3 4.42 10.41 -23.46
N PRO C 4 4.55 11.23 -24.52
CA PRO C 4 5.07 10.73 -25.80
C PRO C 4 6.45 10.11 -25.56
N ALA C 5 7.25 10.73 -24.70
CA ALA C 5 8.58 10.19 -24.36
C ALA C 5 8.45 8.84 -23.61
N ASP C 6 7.48 8.72 -22.73
CA ASP C 6 7.29 7.48 -21.95
C ASP C 6 6.91 6.33 -22.91
N LYS C 7 6.09 6.66 -23.90
CA LYS C 7 5.61 5.64 -24.84
C LYS C 7 6.77 5.12 -25.67
N THR C 8 7.54 6.13 -26.14
CA THR C 8 8.76 5.83 -26.93
C THR C 8 9.69 4.96 -26.11
N ASN C 9 9.94 5.32 -24.84
CA ASN C 9 10.81 4.57 -23.91
C ASN C 9 10.33 3.14 -23.72
N VAL C 10 9.01 2.98 -23.49
CA VAL C 10 8.44 1.66 -23.31
C VAL C 10 8.54 0.81 -24.58
N LYS C 11 8.26 1.45 -25.74
CA LYS C 11 8.35 0.63 -26.98
C LYS C 11 9.79 0.22 -27.24
N ALA C 12 10.77 1.07 -27.02
CA ALA C 12 12.17 0.72 -27.21
C ALA C 12 12.57 -0.46 -26.33
N ALA C 13 12.26 -0.30 -25.04
CA ALA C 13 12.62 -1.33 -24.04
C ALA C 13 11.92 -2.66 -24.33
N TRP C 14 10.61 -2.62 -24.56
CA TRP C 14 9.86 -3.86 -24.85
C TRP C 14 10.31 -4.48 -26.16
N GLY C 15 10.69 -3.63 -27.08
CA GLY C 15 11.21 -3.99 -28.40
C GLY C 15 12.46 -4.85 -28.22
N LYS C 16 13.29 -4.39 -27.29
CA LYS C 16 14.54 -5.13 -27.01
C LYS C 16 14.28 -6.41 -26.27
N VAL C 17 13.16 -6.50 -25.55
CA VAL C 17 12.83 -7.75 -24.83
C VAL C 17 12.61 -8.86 -25.86
N GLY C 18 11.93 -8.44 -26.91
CA GLY C 18 11.59 -9.21 -28.11
C GLY C 18 11.07 -10.61 -27.82
N ALA C 19 11.79 -11.59 -28.33
CA ALA C 19 11.44 -12.99 -28.22
C ALA C 19 11.64 -13.56 -26.81
N HIS C 20 12.31 -12.81 -25.93
CA HIS C 20 12.56 -13.26 -24.56
C HIS C 20 11.42 -12.92 -23.61
N ALA C 21 10.43 -12.22 -24.15
CA ALA C 21 9.26 -11.82 -23.34
C ALA C 21 8.79 -12.91 -22.37
N GLY C 22 8.44 -14.07 -22.84
CA GLY C 22 7.95 -15.18 -22.07
C GLY C 22 8.84 -15.67 -20.96
N GLU C 23 10.15 -15.73 -21.26
CA GLU C 23 11.12 -16.22 -20.26
C GLU C 23 11.16 -15.21 -19.10
N TYR C 24 11.09 -13.94 -19.53
CA TYR C 24 11.13 -12.83 -18.57
C TYR C 24 9.86 -12.83 -17.71
N GLY C 25 8.76 -13.21 -18.35
CA GLY C 25 7.49 -13.20 -17.54
C GLY C 25 7.57 -14.30 -16.49
N ALA C 26 8.17 -15.44 -16.80
CA ALA C 26 8.31 -16.56 -15.89
C ALA C 26 9.22 -16.21 -14.72
N GLU C 27 10.35 -15.55 -15.10
CA GLU C 27 11.34 -15.12 -14.13
C GLU C 27 10.69 -14.13 -13.17
N ALA C 28 9.86 -13.25 -13.72
CA ALA C 28 9.19 -12.24 -12.86
C ALA C 28 8.27 -12.89 -11.84
N LEU C 29 7.59 -13.97 -12.32
CA LEU C 29 6.67 -14.67 -11.39
C LEU C 29 7.40 -15.31 -10.26
N GLU C 30 8.56 -15.96 -10.62
CA GLU C 30 9.41 -16.63 -9.66
C GLU C 30 10.02 -15.69 -8.65
N ARG C 31 10.42 -14.52 -9.08
CA ARG C 31 10.95 -13.45 -8.23
C ARG C 31 9.83 -13.05 -7.21
N MET C 32 8.64 -12.95 -7.72
CA MET C 32 7.42 -12.55 -6.91
C MET C 32 7.15 -13.59 -5.82
N PHE C 33 7.03 -14.85 -6.17
CA PHE C 33 6.75 -15.90 -5.15
C PHE C 33 7.77 -16.00 -4.08
N LEU C 34 9.08 -15.88 -4.42
CA LEU C 34 10.16 -15.89 -3.49
C LEU C 34 10.27 -14.71 -2.56
N SER C 35 10.14 -13.52 -3.15
CA SER C 35 10.28 -12.26 -2.43
C SER C 35 9.02 -11.87 -1.63
N PHE C 36 7.89 -12.24 -2.18
CA PHE C 36 6.57 -11.87 -1.48
C PHE C 36 5.73 -13.16 -1.37
N PRO C 37 6.07 -13.98 -0.39
CA PRO C 37 5.40 -15.30 -0.26
C PRO C 37 3.90 -15.22 -0.20
N THR C 38 3.38 -14.09 0.25
CA THR C 38 1.85 -14.07 0.33
C THR C 38 1.19 -14.19 -1.01
N THR C 39 1.88 -13.87 -2.10
CA THR C 39 1.30 -13.97 -3.47
C THR C 39 1.07 -15.43 -3.85
N LYS C 40 1.80 -16.34 -3.18
CA LYS C 40 1.57 -17.77 -3.43
C LYS C 40 0.14 -18.24 -3.06
N THR C 41 -0.53 -17.49 -2.22
CA THR C 41 -1.90 -17.89 -1.80
C THR C 41 -2.87 -17.93 -2.99
N TYR C 42 -2.58 -17.29 -4.12
CA TYR C 42 -3.42 -17.31 -5.29
C TYR C 42 -3.16 -18.49 -6.27
N PHE C 43 -2.08 -19.18 -5.95
CA PHE C 43 -1.66 -20.30 -6.84
C PHE C 43 -1.47 -21.58 -6.07
N PRO C 44 -2.45 -21.98 -5.27
CA PRO C 44 -2.32 -23.21 -4.47
C PRO C 44 -2.33 -24.48 -5.31
N HIS C 45 -2.82 -24.35 -6.49
CA HIS C 45 -2.95 -25.38 -7.53
C HIS C 45 -1.74 -25.48 -8.43
N PHE C 46 -0.74 -24.64 -8.19
CA PHE C 46 0.46 -24.67 -9.01
C PHE C 46 1.65 -25.32 -8.29
N ASP C 47 2.48 -25.91 -9.13
CA ASP C 47 3.79 -26.44 -8.69
C ASP C 47 4.64 -25.13 -8.89
N LEU C 48 5.11 -24.59 -7.78
CA LEU C 48 5.90 -23.35 -7.84
C LEU C 48 7.41 -23.53 -7.74
N SER C 49 7.86 -24.78 -7.79
CA SER C 49 9.31 -25.03 -7.74
C SER C 49 9.96 -24.32 -8.91
N HIS C 50 11.26 -24.11 -8.69
CA HIS C 50 12.06 -23.46 -9.75
C HIS C 50 12.07 -24.42 -10.96
N GLY C 51 11.79 -23.87 -12.14
CA GLY C 51 11.75 -24.58 -13.40
C GLY C 51 10.38 -25.09 -13.78
N SER C 52 9.41 -24.90 -12.88
CA SER C 52 8.06 -25.41 -13.14
C SER C 52 7.59 -25.03 -14.51
N ALA C 53 7.03 -26.00 -15.22
CA ALA C 53 6.50 -25.74 -16.55
C ALA C 53 5.22 -24.91 -16.42
N GLN C 54 4.57 -25.03 -15.30
CA GLN C 54 3.27 -24.31 -15.06
C GLN C 54 3.63 -22.81 -14.93
N VAL C 55 4.72 -22.61 -14.16
CA VAL C 55 5.17 -21.19 -14.01
C VAL C 55 5.60 -20.63 -15.34
N LYS C 56 6.38 -21.38 -16.12
CA LYS C 56 6.81 -20.96 -17.44
C LYS C 56 5.66 -20.62 -18.39
N GLY C 57 4.66 -21.51 -18.40
CA GLY C 57 3.46 -21.38 -19.22
C GLY C 57 2.68 -20.11 -18.81
N HIS C 58 2.58 -19.92 -17.52
CA HIS C 58 1.86 -18.75 -16.98
C HIS C 58 2.60 -17.46 -17.28
N GLY C 59 3.95 -17.59 -17.18
CA GLY C 59 4.83 -16.39 -17.50
C GLY C 59 4.64 -15.93 -18.91
N LYS C 60 4.53 -16.89 -19.86
CA LYS C 60 4.32 -16.60 -21.26
C LYS C 60 2.98 -15.89 -21.51
N LYS C 61 1.93 -16.30 -20.83
CA LYS C 61 0.62 -15.67 -20.88
C LYS C 61 0.72 -14.21 -20.38
N VAL C 62 1.38 -14.03 -19.24
CA VAL C 62 1.53 -12.69 -18.67
C VAL C 62 2.31 -11.78 -19.63
N ALA C 63 3.41 -12.26 -20.13
CA ALA C 63 4.23 -11.53 -21.08
C ALA C 63 3.49 -11.12 -22.33
N ASP C 64 2.72 -12.05 -22.88
CA ASP C 64 1.91 -11.83 -24.09
C ASP C 64 0.87 -10.73 -23.87
N ALA C 65 0.31 -10.74 -22.65
CA ALA C 65 -0.66 -9.70 -22.30
C ALA C 65 0.06 -8.34 -22.31
N LEU C 66 1.26 -8.29 -21.76
CA LEU C 66 2.02 -7.01 -21.70
C LEU C 66 2.41 -6.59 -23.10
N THR C 67 2.71 -7.59 -23.94
CA THR C 67 3.02 -7.22 -25.35
C THR C 67 1.85 -6.49 -25.99
N ASN C 68 0.67 -7.05 -25.78
CA ASN C 68 -0.59 -6.51 -26.30
C ASN C 68 -0.80 -5.10 -25.72
N ALA C 69 -0.45 -4.91 -24.43
CA ALA C 69 -0.62 -3.60 -23.80
C ALA C 69 0.29 -2.57 -24.46
N VAL C 70 1.52 -2.98 -24.79
CA VAL C 70 2.43 -2.01 -25.42
C VAL C 70 1.91 -1.66 -26.82
N ALA C 71 1.43 -2.64 -27.53
CA ALA C 71 0.93 -2.45 -28.92
C ALA C 71 -0.29 -1.54 -28.99
N HIS C 72 -1.01 -1.52 -27.90
CA HIS C 72 -2.22 -0.70 -27.75
C HIS C 72 -2.07 0.30 -26.63
N VAL C 73 -0.88 0.88 -26.50
CA VAL C 73 -0.64 1.84 -25.41
C VAL C 73 -1.66 2.95 -25.32
N ASP C 74 -2.33 3.36 -26.38
CA ASP C 74 -3.32 4.45 -26.31
C ASP C 74 -4.76 3.94 -26.22
N ASP C 75 -4.94 2.67 -26.06
CA ASP C 75 -6.23 1.99 -25.99
C ASP C 75 -6.17 0.78 -25.05
N MET C 76 -5.46 0.95 -23.93
CA MET C 76 -5.28 -0.14 -22.97
C MET C 76 -6.55 -0.68 -22.35
N PRO C 77 -7.46 0.16 -21.91
CA PRO C 77 -8.69 -0.35 -21.26
C PRO C 77 -9.40 -1.36 -22.15
N ASN C 78 -9.50 -1.09 -23.46
CA ASN C 78 -10.19 -2.03 -24.34
C ASN C 78 -9.41 -3.30 -24.59
N ALA C 79 -8.11 -3.11 -24.86
CA ALA C 79 -7.23 -4.26 -25.13
C ALA C 79 -7.18 -5.25 -23.97
N LEU C 80 -7.22 -4.80 -22.74
CA LEU C 80 -7.16 -5.64 -21.54
C LEU C 80 -8.51 -5.87 -20.86
N SER C 81 -9.60 -5.53 -21.56
CA SER C 81 -10.92 -5.71 -20.91
C SER C 81 -11.17 -7.13 -20.39
N ALA C 82 -10.90 -8.15 -21.17
CA ALA C 82 -11.16 -9.53 -20.67
C ALA C 82 -10.35 -9.85 -19.45
N LEU C 83 -9.06 -9.41 -19.45
CA LEU C 83 -8.16 -9.66 -18.28
C LEU C 83 -8.64 -8.92 -17.05
N SER C 84 -9.12 -7.72 -17.21
CA SER C 84 -9.69 -6.93 -16.10
C SER C 84 -10.89 -7.72 -15.55
N ASP C 85 -11.75 -8.22 -16.45
CA ASP C 85 -12.95 -8.96 -15.98
C ASP C 85 -12.60 -10.15 -15.11
N LEU C 86 -11.59 -10.85 -15.68
CA LEU C 86 -11.06 -12.07 -15.10
C LEU C 86 -10.48 -11.87 -13.71
N HIS C 87 -9.58 -10.91 -13.61
CA HIS C 87 -8.94 -10.66 -12.31
C HIS C 87 -9.96 -10.11 -11.29
N ALA C 88 -10.88 -9.25 -11.74
CA ALA C 88 -11.86 -8.61 -10.89
C ALA C 88 -12.98 -9.53 -10.37
N HIS C 89 -13.51 -10.32 -11.28
CA HIS C 89 -14.66 -11.16 -10.96
C HIS C 89 -14.49 -12.63 -10.76
N LYS C 90 -13.45 -13.24 -11.29
CA LYS C 90 -13.26 -14.67 -11.12
C LYS C 90 -12.13 -14.99 -10.19
N LEU C 91 -10.96 -14.42 -10.49
CA LEU C 91 -9.78 -14.64 -9.66
C LEU C 91 -9.86 -13.86 -8.34
N ARG C 92 -10.30 -12.62 -8.39
CA ARG C 92 -10.42 -11.76 -7.24
C ARG C 92 -9.15 -11.61 -6.42
N VAL C 93 -8.07 -11.23 -7.15
CA VAL C 93 -6.75 -11.04 -6.53
C VAL C 93 -6.79 -9.68 -5.85
N ASP C 94 -6.44 -9.61 -4.60
CA ASP C 94 -6.45 -8.29 -3.93
C ASP C 94 -5.57 -7.32 -4.69
N PRO C 95 -6.01 -6.11 -4.99
CA PRO C 95 -5.24 -5.11 -5.69
C PRO C 95 -3.80 -4.87 -5.22
N VAL C 96 -3.51 -5.04 -3.96
CA VAL C 96 -2.18 -4.78 -3.39
C VAL C 96 -1.11 -5.57 -4.15
N ASN C 97 -1.46 -6.74 -4.65
CA ASN C 97 -0.47 -7.60 -5.30
C ASN C 97 0.05 -7.10 -6.61
N PHE C 98 -0.72 -6.26 -7.29
CA PHE C 98 -0.29 -5.74 -8.60
C PHE C 98 1.07 -4.96 -8.48
N LYS C 99 1.26 -4.26 -7.42
CA LYS C 99 2.53 -3.49 -7.23
C LYS C 99 3.71 -4.45 -7.03
N LEU C 100 3.40 -5.54 -6.39
CA LEU C 100 4.45 -6.57 -6.15
C LEU C 100 4.92 -7.18 -7.47
N LEU C 101 4.00 -7.60 -8.33
CA LEU C 101 4.35 -8.17 -9.63
C LEU C 101 5.06 -7.14 -10.52
N SER C 102 4.55 -5.88 -10.50
CA SER C 102 5.16 -4.78 -11.25
C SER C 102 6.62 -4.63 -10.86
N HIS C 103 6.88 -4.58 -9.60
CA HIS C 103 8.27 -4.45 -9.06
C HIS C 103 9.09 -5.60 -9.59
N CYS C 104 8.55 -6.84 -9.52
CA CYS C 104 9.39 -7.98 -9.98
C CYS C 104 9.61 -7.96 -11.48
N LEU C 105 8.70 -7.36 -12.24
CA LEU C 105 8.85 -7.21 -13.68
C LEU C 105 9.98 -6.16 -13.89
N LEU C 106 9.96 -5.12 -13.08
CA LEU C 106 11.02 -4.06 -13.22
C LEU C 106 12.42 -4.68 -12.97
N VAL C 107 12.54 -5.40 -11.89
CA VAL C 107 13.75 -6.09 -11.47
C VAL C 107 14.19 -7.01 -12.59
N THR C 108 13.30 -7.77 -13.15
CA THR C 108 13.68 -8.69 -14.27
C THR C 108 14.24 -7.95 -15.46
N LEU C 109 13.59 -6.84 -15.84
CA LEU C 109 13.98 -6.02 -16.96
C LEU C 109 15.38 -5.45 -16.69
N ALA C 110 15.58 -5.02 -15.44
CA ALA C 110 16.91 -4.40 -15.09
C ALA C 110 18.03 -5.40 -15.24
N ALA C 111 17.76 -6.64 -14.83
CA ALA C 111 18.75 -7.73 -14.86
C ALA C 111 19.09 -8.18 -16.27
N HIS C 112 18.23 -7.86 -17.23
CA HIS C 112 18.40 -8.28 -18.62
C HIS C 112 18.74 -7.21 -19.60
N LEU C 113 18.63 -5.96 -19.22
CA LEU C 113 18.90 -4.82 -20.14
C LEU C 113 19.89 -3.84 -19.57
N PRO C 114 21.14 -4.26 -19.52
CA PRO C 114 22.21 -3.38 -18.98
C PRO C 114 22.20 -2.02 -19.65
N ALA C 115 22.12 -2.02 -20.97
CA ALA C 115 22.17 -0.81 -21.76
C ALA C 115 20.93 0.05 -21.74
N GLU C 116 19.78 -0.57 -21.91
CA GLU C 116 18.50 0.13 -22.02
C GLU C 116 17.92 0.60 -20.72
N PHE C 117 18.32 -0.01 -19.62
CA PHE C 117 17.69 0.36 -18.31
C PHE C 117 18.30 1.61 -17.66
N THR C 118 18.16 2.66 -18.42
CA THR C 118 18.57 4.03 -18.01
C THR C 118 17.61 4.57 -16.97
N PRO C 119 18.01 5.56 -16.20
CA PRO C 119 17.11 6.19 -15.22
C PRO C 119 15.81 6.59 -15.90
N ALA C 120 15.86 7.27 -17.05
CA ALA C 120 14.68 7.71 -17.79
C ALA C 120 13.74 6.56 -18.20
N VAL C 121 14.34 5.50 -18.66
CA VAL C 121 13.60 4.31 -19.10
C VAL C 121 12.96 3.59 -17.88
N HIS C 122 13.70 3.56 -16.82
CA HIS C 122 13.24 2.96 -15.53
C HIS C 122 11.96 3.74 -15.10
N ALA C 123 12.03 5.08 -15.14
CA ALA C 123 10.81 5.83 -14.74
C ALA C 123 9.66 5.55 -15.68
N SER C 124 9.93 5.49 -17.00
CA SER C 124 8.82 5.21 -17.96
C SER C 124 8.20 3.84 -17.76
N LEU C 125 9.01 2.85 -17.54
CA LEU C 125 8.44 1.47 -17.37
C LEU C 125 7.66 1.44 -16.05
N ASP C 126 8.14 2.09 -14.99
CA ASP C 126 7.43 2.07 -13.70
C ASP C 126 6.03 2.65 -13.93
N LYS C 127 6.00 3.75 -14.67
CA LYS C 127 4.72 4.44 -14.99
C LYS C 127 3.82 3.53 -15.84
N PHE C 128 4.41 2.89 -16.81
CA PHE C 128 3.68 1.96 -17.70
C PHE C 128 3.06 0.81 -16.85
N LEU C 129 3.83 0.18 -16.01
CA LEU C 129 3.30 -0.94 -15.17
C LEU C 129 2.22 -0.47 -14.22
N ALA C 130 2.35 0.77 -13.73
CA ALA C 130 1.27 1.27 -12.83
C ALA C 130 -0.02 1.47 -13.62
N SER C 131 0.07 1.87 -14.86
CA SER C 131 -1.02 2.14 -15.80
C SER C 131 -1.71 0.81 -16.14
N VAL C 132 -0.90 -0.19 -16.41
CA VAL C 132 -1.50 -1.53 -16.64
C VAL C 132 -2.20 -2.02 -15.37
N SER C 133 -1.60 -1.86 -14.20
CA SER C 133 -2.19 -2.32 -12.93
C SER C 133 -3.55 -1.62 -12.67
N THR C 134 -3.54 -0.35 -13.04
CA THR C 134 -4.73 0.50 -12.94
C THR C 134 -5.89 -0.05 -13.78
N VAL C 135 -5.62 -0.40 -15.01
CA VAL C 135 -6.61 -0.94 -15.92
C VAL C 135 -7.10 -2.27 -15.36
N LEU C 136 -6.22 -3.12 -14.94
CA LEU C 136 -6.58 -4.45 -14.45
C LEU C 136 -7.38 -4.47 -13.14
N THR C 137 -7.29 -3.36 -12.41
CA THR C 137 -8.06 -3.29 -11.14
C THR C 137 -9.28 -2.38 -11.24
N SER C 138 -9.56 -1.84 -12.39
CA SER C 138 -10.65 -0.94 -12.67
C SER C 138 -12.05 -1.47 -12.50
N LYS C 139 -12.29 -2.76 -12.57
CA LYS C 139 -13.66 -3.29 -12.48
C LYS C 139 -13.97 -4.06 -11.23
N TYR C 140 -13.11 -3.94 -10.25
CA TYR C 140 -13.20 -4.67 -8.98
C TYR C 140 -14.47 -4.36 -8.20
N ARG C 141 -14.89 -3.12 -8.29
CA ARG C 141 -16.13 -2.77 -7.50
C ARG C 141 -16.77 -1.54 -8.11
N VAL D 1 16.49 -8.88 11.90
CA VAL D 1 15.85 -9.73 10.91
C VAL D 1 16.52 -11.13 10.92
N HIS D 2 15.61 -12.10 10.77
CA HIS D 2 16.00 -13.50 10.71
C HIS D 2 16.17 -13.91 9.25
N LEU D 3 17.41 -14.23 8.95
CA LEU D 3 17.86 -14.69 7.65
C LEU D 3 18.40 -16.13 7.85
N THR D 4 18.16 -16.95 6.86
CA THR D 4 18.66 -18.34 6.86
C THR D 4 20.16 -18.19 6.50
N PRO D 5 20.97 -19.16 6.91
CA PRO D 5 22.41 -19.12 6.61
C PRO D 5 22.67 -18.77 5.15
N GLU D 6 21.83 -19.37 4.29
CA GLU D 6 21.89 -19.18 2.85
C GLU D 6 21.61 -17.74 2.44
N GLU D 7 20.55 -17.19 3.02
CA GLU D 7 20.22 -15.78 2.71
C GLU D 7 21.33 -14.87 3.21
N LYS D 8 21.86 -15.17 4.40
CA LYS D 8 22.94 -14.31 4.95
C LYS D 8 24.16 -14.36 4.05
N SER D 9 24.53 -15.56 3.67
CA SER D 9 25.69 -15.80 2.80
C SER D 9 25.59 -15.00 1.51
N ALA D 10 24.42 -15.11 0.86
CA ALA D 10 24.08 -14.45 -0.39
C ALA D 10 24.25 -12.92 -0.29
N VAL D 11 23.65 -12.37 0.76
CA VAL D 11 23.72 -10.96 1.03
C VAL D 11 25.17 -10.45 1.14
N THR D 12 25.90 -11.08 2.01
CA THR D 12 27.32 -10.70 2.29
C THR D 12 28.20 -10.82 1.07
N ALA D 13 28.03 -11.92 0.35
CA ALA D 13 28.84 -12.19 -0.89
C ALA D 13 28.73 -11.10 -1.92
N LEU D 14 27.44 -10.76 -2.17
CA LEU D 14 27.23 -9.73 -3.17
C LEU D 14 27.78 -8.38 -2.71
N TRP D 15 27.52 -8.07 -1.45
CA TRP D 15 27.87 -6.76 -0.87
C TRP D 15 29.38 -6.51 -0.99
N GLY D 16 30.10 -7.58 -0.92
CA GLY D 16 31.60 -7.46 -1.04
C GLY D 16 32.01 -6.83 -2.36
N LYS D 17 31.21 -7.01 -3.40
CA LYS D 17 31.43 -6.50 -4.74
C LYS D 17 30.83 -5.12 -4.98
N VAL D 18 30.13 -4.56 -3.99
CA VAL D 18 29.51 -3.24 -4.24
C VAL D 18 30.47 -2.08 -3.97
N ASN D 19 30.50 -1.15 -4.93
CA ASN D 19 31.28 0.10 -4.76
C ASN D 19 30.20 1.06 -4.16
N VAL D 20 30.23 1.13 -2.85
CA VAL D 20 29.22 1.93 -2.10
C VAL D 20 29.05 3.32 -2.64
N ASP D 21 30.15 3.95 -3.01
CA ASP D 21 30.11 5.33 -3.56
C ASP D 21 29.22 5.40 -4.79
N GLU D 22 29.63 4.64 -5.78
CA GLU D 22 29.01 4.50 -7.07
C GLU D 22 27.53 4.06 -6.98
N VAL D 23 27.32 2.96 -6.30
CA VAL D 23 25.97 2.38 -6.15
C VAL D 23 25.08 3.31 -5.35
N GLY D 24 25.65 3.98 -4.37
CA GLY D 24 24.91 4.92 -3.50
C GLY D 24 24.38 6.08 -4.29
N GLY D 25 25.26 6.66 -5.12
CA GLY D 25 24.90 7.79 -6.00
C GLY D 25 23.82 7.39 -7.00
N GLU D 26 23.92 6.25 -7.64
CA GLU D 26 22.99 5.73 -8.62
C GLU D 26 21.60 5.52 -7.94
N ALA D 27 21.65 4.88 -6.79
CA ALA D 27 20.39 4.55 -6.11
C ALA D 27 19.64 5.83 -5.70
N LEU D 28 20.35 6.77 -5.09
CA LEU D 28 19.70 8.03 -4.67
C LEU D 28 19.18 8.79 -5.89
N GLY D 29 20.03 8.82 -6.96
CA GLY D 29 19.67 9.48 -8.21
C GLY D 29 18.40 8.91 -8.83
N ARG D 30 18.36 7.58 -8.91
CA ARG D 30 17.17 6.94 -9.51
C ARG D 30 15.91 7.22 -8.62
N LEU D 31 16.12 7.25 -7.35
CA LEU D 31 14.94 7.57 -6.49
C LEU D 31 14.33 8.89 -6.88
N LEU D 32 15.15 9.93 -6.99
CA LEU D 32 14.74 11.26 -7.38
C LEU D 32 14.14 11.38 -8.76
N VAL D 33 14.59 10.54 -9.68
CA VAL D 33 14.08 10.51 -11.09
C VAL D 33 12.74 9.73 -11.19
N VAL D 34 12.72 8.56 -10.59
CA VAL D 34 11.52 7.68 -10.68
C VAL D 34 10.35 8.10 -9.80
N TYR D 35 10.63 8.67 -8.67
CA TYR D 35 9.56 9.15 -7.71
C TYR D 35 9.91 10.61 -7.42
N PRO D 36 9.65 11.47 -8.35
CA PRO D 36 10.05 12.89 -8.22
C PRO D 36 9.63 13.63 -6.99
N TRP D 37 8.57 13.16 -6.34
CA TRP D 37 8.15 13.81 -5.12
C TRP D 37 9.20 13.73 -4.03
N THR D 38 10.09 12.75 -4.08
CA THR D 38 11.16 12.55 -3.13
C THR D 38 12.16 13.72 -3.16
N GLN D 39 12.05 14.55 -4.17
CA GLN D 39 12.96 15.69 -4.33
C GLN D 39 12.64 16.76 -3.29
N ARG D 40 11.47 16.65 -2.64
CA ARG D 40 11.05 17.60 -1.61
C ARG D 40 12.06 17.77 -0.48
N PHE D 41 12.94 16.79 -0.22
CA PHE D 41 13.94 16.85 0.81
C PHE D 41 15.31 17.43 0.35
N PHE D 42 15.43 17.73 -0.91
CA PHE D 42 16.69 18.17 -1.49
C PHE D 42 16.69 19.48 -2.24
N GLU D 43 15.91 20.45 -1.79
CA GLU D 43 15.77 21.75 -2.41
C GLU D 43 17.10 22.48 -2.57
N SER D 44 17.98 22.26 -1.61
CA SER D 44 19.29 22.96 -1.67
C SER D 44 20.34 22.17 -2.43
N PHE D 45 20.02 21.13 -3.15
CA PHE D 45 21.05 20.35 -3.89
C PHE D 45 21.31 20.85 -5.29
N GLY D 46 20.62 21.84 -5.74
CA GLY D 46 20.75 22.44 -7.06
C GLY D 46 19.77 21.88 -8.08
N ASP D 47 20.32 21.73 -9.27
CA ASP D 47 19.63 21.26 -10.48
C ASP D 47 19.24 19.79 -10.40
N LEU D 48 17.93 19.55 -10.42
CA LEU D 48 17.31 18.22 -10.41
C LEU D 48 16.14 18.13 -11.43
N SER D 49 16.11 19.07 -12.34
CA SER D 49 15.04 19.21 -13.33
C SER D 49 14.98 18.15 -14.40
N THR D 50 16.08 17.50 -14.71
CA THR D 50 16.09 16.41 -15.71
C THR D 50 16.94 15.26 -15.20
N PRO D 51 16.69 14.06 -15.72
CA PRO D 51 17.44 12.86 -15.34
C PRO D 51 18.95 13.01 -15.38
N ASP D 52 19.43 13.68 -16.41
CA ASP D 52 20.90 13.91 -16.58
C ASP D 52 21.40 14.86 -15.52
N ALA D 53 20.61 15.85 -15.16
CA ALA D 53 20.93 16.82 -14.11
C ALA D 53 21.01 16.12 -12.75
N VAL D 54 20.06 15.22 -12.50
CA VAL D 54 20.04 14.51 -11.21
C VAL D 54 21.24 13.58 -11.08
N MET D 55 21.35 12.76 -12.17
CA MET D 55 22.40 11.73 -12.15
C MET D 55 23.80 12.31 -12.03
N GLY D 56 24.05 13.45 -12.65
CA GLY D 56 25.34 14.10 -12.60
C GLY D 56 25.49 15.15 -11.51
N ASN D 57 24.57 15.26 -10.60
CA ASN D 57 24.67 16.27 -9.50
C ASN D 57 25.60 15.79 -8.43
N PRO D 58 26.62 16.60 -8.14
CA PRO D 58 27.61 16.23 -7.13
C PRO D 58 27.05 16.12 -5.72
N LYS D 59 26.01 16.90 -5.44
CA LYS D 59 25.43 16.84 -4.06
C LYS D 59 24.66 15.51 -3.91
N VAL D 60 24.02 15.11 -5.01
CA VAL D 60 23.27 13.80 -5.05
C VAL D 60 24.28 12.65 -4.84
N LYS D 61 25.33 12.62 -5.66
CA LYS D 61 26.30 11.51 -5.48
C LYS D 61 26.87 11.52 -4.10
N ALA D 62 27.28 12.68 -3.59
CA ALA D 62 27.79 12.81 -2.24
C ALA D 62 26.85 12.21 -1.16
N HIS D 63 25.58 12.60 -1.26
CA HIS D 63 24.55 12.13 -0.29
C HIS D 63 24.32 10.65 -0.41
N GLY D 64 24.29 10.20 -1.63
CA GLY D 64 24.11 8.75 -1.94
C GLY D 64 25.17 7.92 -1.21
N LYS D 65 26.43 8.39 -1.33
CA LYS D 65 27.56 7.74 -0.67
C LYS D 65 27.37 7.61 0.83
N LYS D 66 26.95 8.72 1.44
CA LYS D 66 26.61 8.84 2.85
C LYS D 66 25.54 7.84 3.27
N VAL D 67 24.46 7.85 2.49
CA VAL D 67 23.32 6.93 2.84
C VAL D 67 23.70 5.47 2.73
N LEU D 68 24.31 5.08 1.64
CA LEU D 68 24.66 3.64 1.45
C LEU D 68 25.74 3.19 2.43
N GLY D 69 26.56 4.14 2.85
CA GLY D 69 27.61 3.92 3.82
C GLY D 69 26.93 3.53 5.15
N ALA D 70 25.87 4.24 5.53
CA ALA D 70 25.18 3.92 6.80
C ALA D 70 24.44 2.58 6.68
N PHE D 71 23.88 2.38 5.50
CA PHE D 71 23.24 1.13 5.12
C PHE D 71 24.22 -0.03 5.28
N SER D 72 25.42 0.15 4.77
CA SER D 72 26.53 -0.78 4.78
C SER D 72 26.84 -1.27 6.19
N ASP D 73 26.94 -0.28 7.08
CA ASP D 73 27.21 -0.53 8.53
C ASP D 73 26.11 -1.41 9.09
N GLY D 74 24.87 -1.22 8.63
CA GLY D 74 23.72 -2.03 9.06
C GLY D 74 23.82 -3.50 8.68
N LEU D 75 24.50 -3.82 7.59
CA LEU D 75 24.68 -5.20 7.13
C LEU D 75 25.49 -6.01 8.15
N ALA D 76 26.28 -5.26 8.94
CA ALA D 76 27.14 -5.90 9.94
C ALA D 76 26.38 -6.22 11.23
N HIS D 77 25.17 -5.74 11.32
CA HIS D 77 24.36 -5.95 12.53
C HIS D 77 22.94 -6.36 12.16
N LEU D 78 22.86 -7.31 11.24
CA LEU D 78 21.57 -7.77 10.77
C LEU D 78 20.71 -8.30 11.91
N ASP D 79 21.41 -8.72 12.97
CA ASP D 79 20.67 -9.27 14.12
C ASP D 79 20.12 -8.15 15.01
N ASN D 80 20.51 -6.89 14.78
CA ASN D 80 19.97 -5.84 15.68
C ASN D 80 19.79 -4.53 14.89
N LEU D 81 18.94 -4.63 13.89
CA LEU D 81 18.72 -3.41 13.04
C LEU D 81 18.16 -2.27 13.86
N LYS D 82 17.16 -2.48 14.70
CA LYS D 82 16.55 -1.39 15.49
C LYS D 82 17.54 -0.60 16.32
N GLY D 83 18.35 -1.34 17.09
CA GLY D 83 19.38 -0.74 17.97
C GLY D 83 20.43 -0.02 17.14
N THR D 84 20.81 -0.61 16.00
CA THR D 84 21.80 0.02 15.13
C THR D 84 21.31 1.33 14.51
N PHE D 85 20.04 1.41 14.12
CA PHE D 85 19.53 2.64 13.47
C PHE D 85 18.71 3.56 14.36
N ALA D 86 18.66 3.28 15.66
CA ALA D 86 17.85 4.13 16.56
C ALA D 86 18.13 5.61 16.52
N THR D 87 19.42 5.97 16.51
CA THR D 87 19.80 7.39 16.46
C THR D 87 19.37 8.09 15.18
N LEU D 88 19.67 7.45 14.04
CA LEU D 88 19.28 7.92 12.73
C LEU D 88 17.74 7.90 12.60
N SER D 89 17.13 6.94 13.23
CA SER D 89 15.61 6.89 13.15
C SER D 89 15.05 8.20 13.68
N GLU D 90 15.57 8.47 14.90
CA GLU D 90 15.13 9.69 15.60
C GLU D 90 15.45 10.97 14.86
N LEU D 91 16.63 11.00 14.21
CA LEU D 91 17.03 12.18 13.46
C LEU D 91 16.05 12.44 12.29
N HIS D 92 15.79 11.30 11.60
CA HIS D 92 14.94 11.41 10.41
C HIS D 92 13.51 11.84 10.75
N CYS D 93 13.10 11.44 11.93
CA CYS D 93 11.74 11.83 12.41
C CYS D 93 11.77 13.28 12.90
N ASP D 94 12.47 13.47 14.01
CA ASP D 94 12.61 14.72 14.72
C ASP D 94 13.20 15.94 14.04
N LYS D 95 14.25 15.81 13.28
CA LYS D 95 14.94 16.87 12.59
C LYS D 95 14.64 16.98 11.12
N LEU D 96 14.60 15.83 10.42
CA LEU D 96 14.43 15.84 9.01
C LEU D 96 13.00 15.76 8.47
N HIS D 97 12.09 15.27 9.28
CA HIS D 97 10.70 15.16 8.85
C HIS D 97 10.51 14.31 7.60
N VAL D 98 11.24 13.22 7.54
CA VAL D 98 11.14 12.33 6.38
C VAL D 98 10.08 11.23 6.55
N ASP D 99 9.11 11.21 5.62
CA ASP D 99 8.05 10.12 5.68
C ASP D 99 8.74 8.79 5.46
N PRO D 100 8.61 7.84 6.38
CA PRO D 100 9.31 6.57 6.29
C PRO D 100 8.93 5.82 5.04
N GLU D 101 7.89 6.27 4.33
CA GLU D 101 7.51 5.56 3.08
C GLU D 101 8.72 5.69 2.11
N ASN D 102 9.45 6.78 2.25
CA ASN D 102 10.67 6.99 1.42
C ASN D 102 11.70 5.89 1.63
N PHE D 103 11.78 5.33 2.83
CA PHE D 103 12.80 4.27 3.10
C PHE D 103 12.45 3.05 2.26
N ARG D 104 11.13 2.86 2.12
CA ARG D 104 10.62 1.74 1.34
C ARG D 104 10.89 1.88 -0.15
N LEU D 105 10.70 3.11 -0.67
CA LEU D 105 10.97 3.38 -2.08
C LEU D 105 12.50 3.21 -2.33
N LEU D 106 13.29 3.72 -1.43
CA LEU D 106 14.76 3.63 -1.64
C LEU D 106 15.12 2.14 -1.66
N GLY D 107 14.53 1.39 -0.77
CA GLY D 107 14.82 -0.09 -0.68
C GLY D 107 14.56 -0.73 -2.05
N ASN D 108 13.39 -0.42 -2.63
CA ASN D 108 13.03 -1.04 -3.92
C ASN D 108 13.94 -0.57 -5.05
N VAL D 109 14.28 0.72 -5.04
CA VAL D 109 15.19 1.24 -6.12
C VAL D 109 16.55 0.55 -5.95
N LEU D 110 17.00 0.43 -4.72
CA LEU D 110 18.30 -0.28 -4.52
C LEU D 110 18.27 -1.66 -5.14
N VAL D 111 17.19 -2.39 -4.96
CA VAL D 111 17.07 -3.74 -5.55
C VAL D 111 17.16 -3.66 -7.05
N CYS D 112 16.51 -2.66 -7.68
CA CYS D 112 16.52 -2.43 -9.11
C CYS D 112 17.99 -2.14 -9.54
N VAL D 113 18.65 -1.33 -8.74
CA VAL D 113 20.05 -0.96 -9.11
C VAL D 113 20.96 -2.16 -9.00
N LEU D 114 20.79 -2.99 -8.00
CA LEU D 114 21.59 -4.19 -7.82
C LEU D 114 21.39 -5.14 -9.01
N ALA D 115 20.12 -5.29 -9.37
CA ALA D 115 19.79 -6.13 -10.53
C ALA D 115 20.44 -5.60 -11.82
N HIS D 116 20.34 -4.30 -12.03
CA HIS D 116 20.88 -3.62 -13.20
C HIS D 116 22.40 -3.85 -13.28
N HIS D 117 23.01 -3.59 -12.14
CA HIS D 117 24.48 -3.70 -12.04
C HIS D 117 25.01 -5.10 -12.14
N PHE D 118 24.39 -6.03 -11.42
CA PHE D 118 24.90 -7.42 -11.38
C PHE D 118 24.28 -8.35 -12.40
N GLY D 119 23.14 -7.97 -12.98
CA GLY D 119 22.51 -8.81 -14.01
C GLY D 119 22.19 -10.19 -13.46
N LYS D 120 22.51 -11.19 -14.27
CA LYS D 120 22.23 -12.60 -13.95
C LYS D 120 22.64 -13.09 -12.59
N GLU D 121 23.63 -12.46 -11.99
CA GLU D 121 24.11 -12.80 -10.65
C GLU D 121 23.11 -12.44 -9.55
N PHE D 122 22.21 -11.51 -9.88
CA PHE D 122 21.16 -11.11 -8.87
C PHE D 122 19.93 -12.06 -9.10
N THR D 123 20.13 -13.27 -8.67
CA THR D 123 19.11 -14.36 -8.92
C THR D 123 17.84 -14.10 -8.09
N PRO D 124 16.82 -14.87 -8.43
CA PRO D 124 15.58 -14.75 -7.58
C PRO D 124 15.81 -14.95 -6.14
N PRO D 125 16.55 -15.99 -5.64
CA PRO D 125 16.82 -16.15 -4.23
C PRO D 125 17.61 -15.00 -3.59
N VAL D 126 18.59 -14.48 -4.34
CA VAL D 126 19.37 -13.35 -3.83
C VAL D 126 18.49 -12.13 -3.62
N GLN D 127 17.60 -11.91 -4.62
CA GLN D 127 16.66 -10.82 -4.60
C GLN D 127 15.84 -10.95 -3.29
N ALA D 128 15.31 -12.15 -3.07
CA ALA D 128 14.44 -12.40 -1.89
C ALA D 128 15.12 -12.09 -0.59
N ALA D 129 16.42 -12.40 -0.51
CA ALA D 129 17.21 -12.08 0.73
C ALA D 129 17.34 -10.57 0.82
N TYR D 130 17.72 -9.88 -0.25
CA TYR D 130 17.84 -8.42 -0.19
C TYR D 130 16.47 -7.77 0.13
N GLN D 131 15.43 -8.39 -0.34
CA GLN D 131 14.09 -7.79 -0.08
C GLN D 131 13.87 -7.83 1.42
N LYS D 132 14.26 -8.92 2.08
CA LYS D 132 14.06 -8.99 3.54
C LYS D 132 14.91 -7.94 4.25
N VAL D 133 16.12 -7.79 3.71
CA VAL D 133 17.04 -6.82 4.28
C VAL D 133 16.57 -5.39 4.14
N VAL D 134 16.15 -4.97 2.95
CA VAL D 134 15.73 -3.56 2.74
C VAL D 134 14.44 -3.28 3.58
N ALA D 135 13.63 -4.31 3.64
CA ALA D 135 12.37 -4.18 4.46
C ALA D 135 12.75 -3.94 5.93
N GLY D 136 13.77 -4.69 6.35
CA GLY D 136 14.26 -4.64 7.75
C GLY D 136 14.80 -3.27 8.11
N VAL D 137 15.62 -2.76 7.19
CA VAL D 137 16.27 -1.45 7.35
C VAL D 137 15.23 -0.35 7.40
N ALA D 138 14.25 -0.44 6.51
CA ALA D 138 13.19 0.55 6.44
C ALA D 138 12.42 0.55 7.80
N ASN D 139 12.12 -0.65 8.26
CA ASN D 139 11.41 -0.78 9.55
C ASN D 139 12.23 -0.23 10.70
N ALA D 140 13.55 -0.48 10.60
CA ALA D 140 14.39 -0.04 11.73
C ALA D 140 14.42 1.48 11.73
N LEU D 141 14.49 2.04 10.51
CA LEU D 141 14.57 3.52 10.46
C LEU D 141 13.26 4.21 10.83
N ALA D 142 12.18 3.50 10.72
CA ALA D 142 10.86 4.07 11.03
C ALA D 142 10.44 3.83 12.50
N HIS D 143 11.15 2.98 13.17
CA HIS D 143 10.83 2.55 14.54
C HIS D 143 10.69 3.64 15.56
N LYS D 144 11.47 4.68 15.53
CA LYS D 144 11.46 5.77 16.53
C LYS D 144 10.57 6.95 16.18
N TYR D 145 9.72 6.77 15.20
CA TYR D 145 8.77 7.80 14.71
C TYR D 145 7.64 7.88 15.77
N HIS D 146 7.15 9.06 15.95
CA HIS D 146 6.12 9.30 16.97
C HIS D 146 5.35 10.58 16.63
CHA HEM E . -3.20 21.46 1.70
CHB HEM E . -7.19 18.95 0.38
CHC HEM E . -4.73 14.81 1.21
CHD HEM E . -1.10 17.33 3.18
C1A HEM E . -4.50 21.16 1.26
C2A HEM E . -5.56 22.08 0.95
C3A HEM E . -6.66 21.40 0.61
C4A HEM E . -6.33 19.99 0.69
CMA HEM E . -8.06 21.91 0.17
CAA HEM E . -5.42 23.63 1.03
CBA HEM E . -4.90 24.29 -0.21
CGA HEM E . -4.83 25.82 -0.16
O1A HEM E . -4.67 26.32 0.99
O2A HEM E . -4.86 26.40 -1.25
C1B HEM E . -6.84 17.62 0.47
C2B HEM E . -7.69 16.51 0.08
C3B HEM E . -7.01 15.38 0.32
C4B HEM E . -5.75 15.73 0.87
CMB HEM E . -9.13 16.66 -0.47
CAB HEM E . -7.45 13.91 0.07
CBB HEM E . -8.76 13.64 0.47
C1C HEM E . -3.53 15.13 1.85
C2C HEM E . -2.66 14.22 2.51
C3C HEM E . -1.65 14.91 3.10
C4C HEM E . -1.90 16.29 2.77
CMC HEM E . -2.87 12.69 2.52
CAC HEM E . -0.47 14.41 3.94
CBC HEM E . -0.65 13.35 4.74
C1D HEM E . -1.35 18.64 2.88
C2D HEM E . -0.43 19.74 3.27
C3D HEM E . -1.02 20.85 2.87
C4D HEM E . -2.29 20.55 2.21
CMD HEM E . 0.89 19.50 3.99
CAD HEM E . -0.48 22.31 3.02
CBD HEM E . -0.96 22.86 4.39
CGD HEM E . -0.45 24.28 4.65
O1D HEM E . -1.35 25.12 4.89
O2D HEM E . 0.78 24.45 4.63
NA HEM E . -4.99 19.87 1.11
NB HEM E . -5.63 17.11 0.92
NC HEM E . -3.08 16.42 2.02
ND HEM E . -2.43 19.18 2.26
FE HEM E . -4.04 18.16 1.57
C CMO F . -4.68 18.07 3.25
O CMO F . -5.04 18.00 4.40
MG HEG G . -10.40 -16.75 9.34
CHA HEG G . -11.70 -19.93 9.53
CHB HEG G . -10.31 -16.64 12.76
CHC HEG G . -9.99 -13.37 9.29
CHD HEG G . -11.28 -16.66 6.03
NA HEG G . -10.93 -18.02 10.88
C1A HEG G . -11.44 -19.32 10.74
C2A HEG G . -11.55 -19.89 12.04
C3A HEG G . -11.20 -19.01 12.97
C4A HEG G . -10.80 -17.81 12.21
CMA HEG G . -11.10 -19.17 14.49
CAA HEG G . -11.95 -21.41 12.20
CBA HEG G . -10.66 -22.25 12.34
CGA HEG G . -10.82 -23.71 12.63
O1A HEG G . -11.70 -24.32 11.95
O2A HEG G . -10.06 -24.22 13.46
NB HEG G . -10.13 -15.30 10.73
C1B HEG G . -10.07 -15.48 12.07
C2B HEG G . -9.75 -14.21 12.76
C3B HEG G . -9.62 -13.30 11.76
C4B HEG G . -9.96 -13.93 10.53
CMB HEG G . -9.47 -14.11 14.25
CAB HEG G . -9.28 -11.80 11.87
CBB HEG G . -9.44 -11.08 12.94
NC HEG G . -10.60 -15.32 7.92
C1C HEG G . -10.39 -13.95 8.10
C2C HEG G . -10.62 -13.26 6.86
C3C HEG G . -11.01 -14.14 5.95
C4C HEG G . -10.97 -15.46 6.61
CMC HEG G . -10.49 -11.72 6.70
CAC HEG G . -11.35 -13.96 4.46
CBC HEG G . -11.79 -12.87 3.86
ND HEG G . -11.33 -18.05 8.06
C1D HEG G . -11.52 -17.82 6.72
C2D HEG G . -12.11 -19.02 6.09
C3D HEG G . -12.19 -19.94 7.03
C4D HEG G . -11.77 -19.34 8.29
CMD HEG G . -12.37 -19.11 4.56
CAD HEG G . -12.77 -21.39 6.92
CBD HEG G . -14.31 -21.39 7.26
CGD HEG G . -15.01 -22.73 7.18
O1D HEG G . -16.25 -22.74 7.56
O2D HEG G . -14.33 -23.73 6.84
CHA HEM H . -4.33 -15.26 -14.87
CHB HEM H . -2.07 -11.41 -16.72
CHC HEM H . -1.53 -9.68 -12.25
CHD HEM H . -2.99 -13.92 -10.37
C1A HEM H . -3.73 -14.40 -15.78
C2A HEM H . -3.64 -14.56 -17.19
C3A HEM H . -3.06 -13.49 -17.71
C4A HEM H . -2.71 -12.61 -16.61
CMA HEM H . -2.70 -13.13 -19.15
CAA HEM H . -4.25 -15.77 -17.96
CBA HEM H . -5.73 -15.49 -18.39
CGA HEM H . -6.41 -16.67 -19.05
O1A HEM H . -6.37 -17.80 -18.51
O2A HEM H . -7.02 -16.39 -20.12
C1B HEM H . -1.77 -10.56 -15.68
C2B HEM H . -1.06 -9.31 -15.76
C3B HEM H . -0.93 -8.81 -14.54
C4B HEM H . -1.50 -9.80 -13.62
CMB HEM H . -0.66 -8.69 -17.15
CAB HEM H . -0.31 -7.49 -14.07
CBB HEM H . 0.80 -7.02 -14.61
C1C HEM H . -1.84 -10.70 -11.34
C2C HEM H . -1.45 -10.70 -9.97
C3C HEM H . -1.83 -11.86 -9.42
C4C HEM H . -2.47 -12.63 -10.50
CMC HEM H . -0.72 -9.51 -9.31
CAC HEM H . -1.64 -12.42 -8.03
CBC HEM H . -0.59 -12.22 -7.19
C1D HEM H . -3.51 -14.66 -11.46
C2D HEM H . -4.09 -15.99 -11.35
C3D HEM H . -4.47 -16.33 -12.60
C4D HEM H . -4.13 -15.29 -13.51
CMD HEM H . -4.18 -16.71 -10.00
CAD HEM H . -5.12 -17.68 -13.00
CBD HEM H . -4.08 -18.75 -13.28
CGD HEM H . -4.70 -20.15 -13.52
O1D HEM H . -4.72 -20.48 -14.70
O2D HEM H . -5.06 -20.75 -12.52
NA HEM H . -3.15 -13.19 -15.40
NB HEM H . -2.01 -10.85 -14.34
NC HEM H . -2.42 -11.90 -11.69
ND HEM H . -3.55 -14.28 -12.77
FE HEM H . -2.76 -12.58 -13.53
C CMO I . -1.13 -13.28 -13.49
O CMO I . -0.14 -13.88 -13.43
MG HEG J . 18.77 9.88 5.23
CHA HEG J . 20.83 12.48 6.16
CHB HEG J . 21.17 7.64 6.36
CHC HEG J . 17.21 7.26 3.56
CHD HEG J . 16.80 12.08 3.48
NA HEG J . 20.63 10.00 6.12
C1A HEG J . 21.31 11.20 6.42
C2A HEG J . 22.60 10.84 6.99
C3A HEG J . 22.71 9.54 7.04
C4A HEG J . 21.48 8.99 6.44
CMA HEG J . 23.86 8.62 7.51
CAA HEG J . 23.64 11.93 7.39
CBA HEG J . 23.22 12.60 8.70
CGA HEG J . 24.20 13.63 9.23
O1A HEG J . 25.19 13.89 8.49
O2A HEG J . 23.90 14.10 10.34
NB HEG J . 19.15 7.87 4.96
C1B HEG J . 20.09 7.12 5.63
C2B HEG J . 19.84 5.71 5.46
C3B HEG J . 18.75 5.61 4.66
C4B HEG J . 18.34 6.97 4.34
CMB HEG J . 20.71 4.58 6.02
CAB HEG J . 17.97 4.37 4.13
CBB HEG J . 18.53 3.43 3.44
NC HEG J . 17.29 9.70 3.83
C1C HEG J . 16.83 8.56 3.23
C2C HEG J . 15.75 8.86 2.29
C3C HEG J . 15.63 10.20 2.26
C4C HEG J . 16.61 10.72 3.19
CMC HEG J . 15.03 7.81 1.41
CAC HEG J . 14.66 11.03 1.41
CBC HEG J . 14.27 10.61 0.17
ND HEG J . 18.87 11.86 4.83
C1D HEG J . 17.89 12.57 4.18
C2D HEG J . 18.19 13.99 4.26
C3D HEG J . 19.28 14.10 5.03
C4D HEG J . 19.72 12.80 5.41
CMD HEG J . 17.32 15.09 3.62
CAD HEG J . 20.01 15.43 5.36
CBD HEG J . 20.91 15.90 4.16
CGD HEG J . 21.44 17.29 4.48
O1D HEG J . 21.15 18.23 3.71
O2D HEG J . 22.01 17.44 5.57
#